data_6HSX
#
_entry.id   6HSX
#
_cell.length_a   69.997
_cell.length_b   71.726
_cell.length_c   72.634
_cell.angle_alpha   90.000
_cell.angle_beta   100.353
_cell.angle_gamma   90.000
#
_symmetry.space_group_name_H-M   'C 1 2 1'
#
loop_
_entity.id
_entity.type
_entity.pdbx_description
1 polymer Prothrombin
2 polymer Prothrombin
3 polymer 'Hirudin variant-2'
4 non-polymer 'DIMETHYL SULFOXIDE'
5 non-polymer GLYCEROL
6 non-polymer 'SODIUM ION'
7 non-polymer 2-acetamido-2-deoxy-beta-D-glucopyranose
8 non-polymer 'PHOSPHATE ION'
9 non-polymer (2~{S})-1-[(2~{R})-2-azanyl-3-phenyl-propanoyl]-~{N}-[[2,6-bis(azanyl)pyridin-4-yl]methyl]pyrrolidine-2-carboxamide
10 water water
#
loop_
_entity_poly.entity_id
_entity_poly.type
_entity_poly.pdbx_seq_one_letter_code
_entity_poly.pdbx_strand_id
1 'polypeptide(L)' TFGSGEADCGLRPLFEKKSLEDKTERELLESYIDGR L
2 'polypeptide(L)'
;IVEGSDAEIGMSPWQVMLFRKSPQELLCGASLISDRWVLTAAHCLLYPPWDKNFTENDLLVRIGKHSRTRYERNIEKISM
LEKIYIHPRYNWRENLDRDIALMKLKKPVAFSDYIHPVCLPDRETAASLLQAGYKGRVTGWGNLKETWTANVGKGQPSVL
QVVNLPIVERPVCKDSTRIRITDNMFCAGYKPDEGKRGDACEGDSGGPFVMKSPFNNRWYQMGIVSWGEGCDRDGKYGFY
THVFRLKKWIQKVIDQFGE
;
H
3 'polypeptide(L)' DFEEIPEE(TYS)LQ I
#
loop_
_chem_comp.id
_chem_comp.type
_chem_comp.name
_chem_comp.formula
DMS non-polymer 'DIMETHYL SULFOXIDE' 'C2 H6 O S'
GOL non-polymer GLYCEROL 'C3 H8 O3'
GOZ non-polymer (2~{S})-1-[(2~{R})-2-azanyl-3-phenyl-propanoyl]-~{N}-[[2,6-bis(azanyl)pyridin-4-yl]methyl]pyrrolidine-2-carboxamide 'C20 H26 N6 O2'
NA non-polymer 'SODIUM ION' 'Na 1'
NAG D-saccharide, beta linking 2-acetamido-2-deoxy-beta-D-glucopyranose 'C8 H15 N O6'
PO4 non-polymer 'PHOSPHATE ION' 'O4 P -3'
#
# COMPACT_ATOMS: atom_id res chain seq x y z
N GLU A 6 8.75 1.91 16.00
CA GLU A 6 7.73 3.00 16.03
C GLU A 6 8.41 4.36 16.20
N ALA A 7 9.35 4.43 17.15
CA ALA A 7 9.99 5.71 17.44
C ALA A 7 10.66 6.30 16.21
N ASP A 8 11.24 5.44 15.37
CA ASP A 8 11.93 5.84 14.16
C ASP A 8 11.08 5.68 12.91
N CYS A 9 9.78 5.45 13.04
CA CYS A 9 8.96 5.17 11.88
C CYS A 9 9.00 6.34 10.90
N GLY A 10 8.84 6.01 9.62
CA GLY A 10 8.61 7.02 8.61
C GLY A 10 9.82 7.83 8.20
N LEU A 11 11.02 7.49 8.69
CA LEU A 11 12.26 8.19 8.34
C LEU A 11 13.12 7.22 7.55
N ARG A 12 13.27 7.47 6.26
CA ARG A 12 13.91 6.49 5.37
C ARG A 12 15.43 6.54 5.50
N PRO A 13 16.09 5.39 5.64
CA PRO A 13 17.57 5.39 5.73
C PRO A 13 18.28 6.11 4.60
N LEU A 14 17.83 6.00 3.36
CA LEU A 14 18.53 6.59 2.23
C LEU A 14 18.03 7.97 1.86
N PHE A 15 17.08 8.53 2.64
CA PHE A 15 16.57 9.86 2.35
C PHE A 15 16.56 10.69 3.63
N GLU A 16 15.49 10.65 4.44
CA GLU A 16 15.41 11.52 5.62
C GLU A 16 16.61 11.34 6.54
N LYS A 17 17.04 10.10 6.76
CA LYS A 17 18.16 9.88 7.69
C LYS A 17 19.47 10.49 7.20
N LYS A 18 19.62 10.77 5.90
CA LYS A 18 20.80 11.40 5.33
C LYS A 18 20.55 12.83 4.88
N SER A 19 19.37 13.36 5.16
CA SER A 19 18.93 14.66 4.62
C SER A 19 19.09 14.74 3.11
N LEU A 20 18.65 13.67 2.42
CA LEU A 20 18.54 13.66 0.98
C LEU A 20 17.05 13.58 0.62
N GLU A 21 16.64 14.30 -0.41
CA GLU A 21 15.26 14.29 -0.88
C GLU A 21 15.13 13.40 -2.11
N ASP A 22 13.97 12.73 -2.23
CA ASP A 22 13.72 11.99 -3.47
C ASP A 22 13.21 12.98 -4.52
N LYS A 23 13.07 12.49 -5.77
CA LYS A 23 12.87 13.40 -6.89
C LYS A 23 11.48 14.02 -6.97
N THR A 24 10.46 13.48 -6.28
CA THR A 24 9.14 14.07 -6.39
C THR A 24 8.47 14.40 -5.05
N GLU A 25 9.14 14.22 -3.92
CA GLU A 25 8.47 14.52 -2.65
C GLU A 25 8.08 16.00 -2.55
N ARG A 26 8.80 16.89 -3.22
CA ARG A 26 8.43 18.30 -3.17
C ARG A 26 7.05 18.55 -3.78
N GLU A 27 6.61 17.72 -4.73
CA GLU A 27 5.25 17.84 -5.28
C GLU A 27 4.21 17.65 -4.19
N LEU A 28 4.46 16.71 -3.26
CA LEU A 28 3.55 16.55 -2.14
C LEU A 28 3.54 17.80 -1.26
N LEU A 29 4.71 18.28 -0.87
CA LEU A 29 4.79 19.45 0.00
C LEU A 29 4.07 20.65 -0.61
N GLU A 30 4.25 20.85 -1.92
CA GLU A 30 3.63 22.01 -2.57
C GLU A 30 2.12 21.92 -2.56
N SER A 31 1.54 20.73 -2.44
CA SER A 31 0.09 20.58 -2.42
C SER A 31 -0.50 20.85 -1.03
N TYR A 32 0.33 20.91 0.02
CA TYR A 32 -0.18 21.05 1.39
C TYR A 32 -0.29 22.54 1.70
N ILE A 33 -1.36 23.14 1.18
CA ILE A 33 -1.53 24.59 1.16
C ILE A 33 -2.35 25.02 2.36
N ILE B 1 0.38 0.00 -11.31
CA ILE B 1 0.34 1.45 -11.34
C ILE B 1 0.35 1.96 -12.78
N VAL B 2 -0.62 2.82 -13.12
CA VAL B 2 -0.74 3.41 -14.46
C VAL B 2 -0.18 4.83 -14.43
N GLU B 3 0.67 5.15 -15.41
CA GLU B 3 1.22 6.49 -15.59
C GLU B 3 2.09 6.93 -14.41
N GLY B 4 2.75 5.97 -13.77
CA GLY B 4 3.73 6.26 -12.75
C GLY B 4 5.15 6.22 -13.28
N SER B 5 6.10 6.07 -12.38
CA SER B 5 7.51 5.99 -12.75
C SER B 5 8.22 4.97 -11.87
N ASP B 6 9.40 4.54 -12.31
CA ASP B 6 10.20 3.62 -11.52
C ASP B 6 10.55 4.26 -10.17
N ALA B 7 10.41 3.49 -9.10
CA ALA B 7 10.85 3.97 -7.79
C ALA B 7 12.35 4.18 -7.74
N GLU B 8 12.79 5.10 -6.89
CA GLU B 8 14.19 5.19 -6.53
C GLU B 8 14.56 4.09 -5.53
N ILE B 9 15.84 3.72 -5.48
CA ILE B 9 16.28 2.73 -4.51
C ILE B 9 16.02 3.25 -3.09
N GLY B 10 15.36 2.45 -2.26
CA GLY B 10 15.06 2.82 -0.89
C GLY B 10 13.97 3.86 -0.73
N MET B 11 13.23 4.15 -1.80
CA MET B 11 12.20 5.21 -1.75
C MET B 11 11.00 4.82 -0.90
N SER B 12 10.70 3.53 -0.83
N SER B 12 10.66 3.53 -0.87
CA SER B 12 9.51 3.01 -0.15
CA SER B 12 9.50 3.02 -0.13
C SER B 12 9.91 1.79 0.67
C SER B 12 9.94 1.79 0.66
N PRO B 13 10.75 1.98 1.70
CA PRO B 13 11.33 0.81 2.39
C PRO B 13 10.37 0.06 3.28
N TRP B 14 9.13 0.55 3.42
CA TRP B 14 8.04 -0.17 4.05
C TRP B 14 7.23 -1.01 3.06
N GLN B 15 7.55 -0.97 1.76
CA GLN B 15 6.80 -1.75 0.79
C GLN B 15 6.98 -3.25 1.03
N VAL B 16 5.88 -4.00 0.95
CA VAL B 16 5.90 -5.45 1.13
C VAL B 16 5.17 -6.07 -0.04
N MET B 17 5.70 -7.20 -0.55
CA MET B 17 5.03 -8.03 -1.55
C MET B 17 4.44 -9.25 -0.89
N LEU B 18 3.15 -9.49 -1.12
CA LEU B 18 2.50 -10.73 -0.70
C LEU B 18 2.68 -11.75 -1.82
N PHE B 19 3.21 -12.93 -1.48
CA PHE B 19 3.67 -13.90 -2.47
C PHE B 19 3.04 -15.25 -2.17
N ARG B 20 2.45 -15.86 -3.19
CA ARG B 20 1.91 -17.21 -3.05
C ARG B 20 3.03 -18.23 -3.22
N LYS B 21 3.03 -19.25 -2.35
CA LYS B 21 4.06 -20.28 -2.42
C LYS B 21 3.92 -21.13 -3.68
N SER B 22 2.72 -21.59 -3.99
CA SER B 22 2.56 -22.56 -5.06
C SER B 22 1.22 -22.38 -5.75
N PRO B 23 1.20 -21.95 -7.01
CA PRO B 23 2.36 -21.55 -7.82
C PRO B 23 3.00 -20.26 -7.30
N GLN B 24 4.30 -20.08 -7.54
CA GLN B 24 4.99 -18.89 -7.07
C GLN B 24 4.52 -17.69 -7.88
N GLU B 25 3.81 -16.77 -7.24
CA GLU B 25 3.27 -15.63 -7.96
C GLU B 25 2.98 -14.50 -6.99
N LEU B 26 2.98 -13.28 -7.53
CA LEU B 26 2.59 -12.12 -6.75
C LEU B 26 1.10 -12.17 -6.48
N LEU B 27 0.71 -11.84 -5.26
CA LEU B 27 -0.71 -11.74 -4.90
C LEU B 27 -1.15 -10.31 -4.65
N CYS B 28 -0.33 -9.50 -4.02
CA CYS B 28 -0.79 -8.21 -3.52
C CYS B 28 0.42 -7.41 -3.06
N GLY B 29 0.20 -6.11 -2.85
CA GLY B 29 1.07 -5.29 -2.04
C GLY B 29 0.64 -5.30 -0.57
N ALA B 30 1.46 -4.63 0.25
CA ALA B 30 1.31 -4.57 1.71
C ALA B 30 2.37 -3.60 2.23
N SER B 31 2.35 -3.35 3.54
CA SER B 31 3.27 -2.38 4.13
C SER B 31 3.76 -2.85 5.50
N LEU B 32 5.00 -2.49 5.83
CA LEU B 32 5.63 -2.82 7.10
C LEU B 32 5.36 -1.71 8.12
N ILE B 33 4.70 -2.05 9.23
CA ILE B 33 4.41 -1.06 10.27
C ILE B 33 5.21 -1.31 11.56
N SER B 34 5.94 -2.41 11.68
CA SER B 34 6.83 -2.67 12.82
C SER B 34 7.72 -3.83 12.40
N ASP B 35 8.60 -4.28 13.32
CA ASP B 35 9.42 -5.43 12.96
C ASP B 35 8.65 -6.74 12.91
N ARG B 36 7.38 -6.78 13.35
CA ARG B 36 6.63 -8.03 13.34
C ARG B 36 5.28 -7.93 12.62
N TRP B 37 4.85 -6.74 12.20
CA TRP B 37 3.48 -6.59 11.71
C TRP B 37 3.43 -5.97 10.32
N VAL B 38 2.57 -6.53 9.48
CA VAL B 38 2.37 -6.10 8.10
C VAL B 38 0.90 -5.79 7.89
N LEU B 39 0.63 -4.67 7.22
CA LEU B 39 -0.71 -4.17 6.93
C LEU B 39 -1.05 -4.40 5.46
N THR B 40 -2.29 -4.82 5.17
CA THR B 40 -2.72 -5.02 3.78
C THR B 40 -4.23 -4.88 3.69
N ALA B 41 -4.76 -5.12 2.49
CA ALA B 41 -6.20 -5.08 2.28
C ALA B 41 -6.77 -6.45 2.59
N ALA B 42 -7.95 -6.46 3.21
CA ALA B 42 -8.62 -7.73 3.51
C ALA B 42 -8.90 -8.53 2.25
N HIS B 43 -9.22 -7.86 1.13
CA HIS B 43 -9.55 -8.62 -0.06
C HIS B 43 -8.34 -9.31 -0.67
N CYS B 44 -7.12 -8.99 -0.21
CA CYS B 44 -5.95 -9.74 -0.62
C CYS B 44 -5.91 -11.14 -0.03
N LEU B 45 -6.63 -11.35 1.07
CA LEU B 45 -6.65 -12.62 1.77
C LEU B 45 -7.97 -13.35 1.69
N LEU B 46 -9.08 -12.61 1.55
CA LEU B 46 -10.41 -13.19 1.62
C LEU B 46 -11.31 -12.47 0.62
N TYR B 47 -11.77 -13.18 -0.39
CA TYR B 47 -12.73 -12.63 -1.36
C TYR B 47 -13.50 -13.80 -1.96
N PRO B 48 -14.58 -14.21 -1.31
CA PRO B 48 -15.32 -15.42 -1.75
C PRO B 48 -15.85 -15.35 -3.17
N PRO B 49 -16.19 -14.17 -3.70
CA PRO B 49 -16.67 -14.14 -5.10
C PRO B 49 -15.67 -14.72 -6.08
N TRP B 50 -14.37 -14.70 -5.75
CA TRP B 50 -13.31 -15.23 -6.59
C TRP B 50 -12.70 -16.49 -6.00
N ASP B 51 -13.38 -17.12 -5.05
CA ASP B 51 -12.92 -18.32 -4.37
C ASP B 51 -11.56 -18.10 -3.71
N LYS B 52 -11.35 -16.89 -3.17
CA LYS B 52 -10.08 -16.56 -2.48
C LYS B 52 -10.31 -16.61 -0.97
N ASN B 53 -9.57 -17.50 -0.29
CA ASN B 53 -9.58 -17.56 1.17
C ASN B 53 -8.26 -18.17 1.62
N PHE B 54 -7.22 -17.35 1.71
CA PHE B 54 -5.89 -17.87 1.98
C PHE B 54 -5.70 -18.16 3.46
N THR B 55 -4.86 -19.14 3.76
CA THR B 55 -4.41 -19.40 5.12
C THR B 55 -2.93 -19.05 5.22
N GLU B 56 -2.46 -18.93 6.46
CA GLU B 56 -1.07 -18.55 6.70
C GLU B 56 -0.09 -19.33 5.83
N ASN B 57 -0.25 -20.66 5.76
CA ASN B 57 0.80 -21.46 5.16
C ASN B 57 0.79 -21.39 3.65
N ASP B 58 -0.21 -20.73 3.06
CA ASP B 58 -0.22 -20.55 1.63
C ASP B 58 0.71 -19.44 1.18
N LEU B 59 1.21 -18.60 2.10
CA LEU B 59 1.71 -17.29 1.77
C LEU B 59 3.11 -17.04 2.31
N LEU B 60 3.83 -16.15 1.62
CA LEU B 60 5.04 -15.52 2.15
C LEU B 60 4.91 -14.01 1.97
N VAL B 61 5.71 -13.25 2.72
CA VAL B 61 5.89 -11.81 2.48
C VAL B 61 7.35 -11.58 2.14
N ARG B 62 7.60 -10.72 1.16
CA ARG B 62 8.94 -10.38 0.71
C ARG B 62 9.12 -8.88 0.93
N ILE B 63 10.15 -8.53 1.69
CA ILE B 63 10.34 -7.19 2.23
C ILE B 63 11.67 -6.67 1.71
N GLY B 64 11.71 -5.38 1.40
CA GLY B 64 12.91 -4.76 0.87
C GLY B 64 13.10 -4.87 -0.62
N LYS B 65 12.05 -5.24 -1.37
CA LYS B 65 12.22 -5.47 -2.79
C LYS B 65 12.14 -4.20 -3.64
N HIS B 66 12.69 -4.32 -4.84
CA HIS B 66 12.59 -3.32 -5.89
C HIS B 66 12.15 -4.02 -7.17
N SER B 67 12.96 -4.95 -7.67
CA SER B 67 12.56 -5.77 -8.82
C SER B 67 11.27 -6.53 -8.52
N ARG B 68 10.37 -6.57 -9.51
CA ARG B 68 9.17 -7.39 -9.37
C ARG B 68 9.51 -8.88 -9.32
N THR B 69 10.29 -9.38 -10.30
CA THR B 69 10.40 -10.82 -10.48
C THR B 69 11.70 -11.43 -9.97
N ARG B 70 12.77 -10.64 -9.84
N ARG B 70 12.77 -10.66 -9.83
CA ARG B 70 14.06 -11.18 -9.43
CA ARG B 70 14.06 -11.23 -9.46
C ARG B 70 14.07 -11.55 -7.95
C ARG B 70 14.14 -11.51 -7.96
N TYR B 71 14.91 -12.53 -7.60
CA TYR B 71 15.25 -12.80 -6.20
C TYR B 71 16.44 -11.90 -5.86
N GLU B 72 16.18 -10.91 -4.99
CA GLU B 72 17.14 -9.84 -4.73
C GLU B 72 18.04 -10.25 -3.56
N ARG B 73 18.99 -11.10 -3.90
CA ARG B 73 19.92 -11.68 -2.95
C ARG B 73 20.66 -10.58 -2.17
N ASN B 74 20.75 -10.78 -0.85
CA ASN B 74 21.41 -9.89 0.11
C ASN B 74 20.67 -8.58 0.35
N ILE B 75 19.47 -8.43 -0.19
CA ILE B 75 18.72 -7.18 -0.04
C ILE B 75 17.33 -7.49 0.51
N GLU B 76 16.55 -8.28 -0.23
CA GLU B 76 15.22 -8.62 0.26
C GLU B 76 15.33 -9.67 1.35
N LYS B 77 14.30 -9.71 2.18
CA LYS B 77 14.14 -10.70 3.22
C LYS B 77 12.76 -11.31 3.07
N ILE B 78 12.68 -12.63 3.22
CA ILE B 78 11.45 -13.38 3.01
C ILE B 78 11.00 -13.92 4.35
N SER B 79 9.74 -13.66 4.70
CA SER B 79 9.23 -14.03 6.01
C SER B 79 7.98 -14.87 5.87
N MET B 80 7.79 -15.78 6.81
CA MET B 80 6.60 -16.60 6.90
C MET B 80 5.61 -15.98 7.88
N LEU B 81 4.35 -16.36 7.76
CA LEU B 81 3.29 -15.76 8.55
C LEU B 81 2.95 -16.61 9.76
N GLU B 82 2.87 -15.97 10.92
CA GLU B 82 2.32 -16.61 12.10
C GLU B 82 0.80 -16.59 12.08
N LYS B 83 0.20 -15.44 11.79
CA LYS B 83 -1.26 -15.37 11.87
C LYS B 83 -1.79 -14.24 11.02
N ILE B 84 -2.95 -14.49 10.40
CA ILE B 84 -3.72 -13.49 9.65
C ILE B 84 -4.88 -13.00 10.50
N TYR B 85 -5.14 -11.69 10.47
CA TYR B 85 -6.27 -11.07 11.16
C TYR B 85 -7.02 -10.16 10.21
N ILE B 86 -8.27 -10.47 9.96
CA ILE B 86 -9.13 -9.69 9.05
C ILE B 86 -10.13 -8.90 9.89
N HIS B 87 -10.43 -7.67 9.48
CA HIS B 87 -11.41 -6.90 10.23
C HIS B 87 -12.72 -7.68 10.34
N PRO B 88 -13.33 -7.75 11.54
CA PRO B 88 -14.53 -8.59 11.71
C PRO B 88 -15.73 -8.08 10.95
N ARG B 89 -15.74 -6.82 10.55
CA ARG B 89 -16.85 -6.26 9.77
C ARG B 89 -16.42 -5.88 8.35
N TYR B 90 -15.35 -6.49 7.86
CA TYR B 90 -15.01 -6.41 6.44
C TYR B 90 -16.18 -6.88 5.57
N ASN B 91 -16.60 -6.03 4.65
CA ASN B 91 -17.79 -6.28 3.81
C ASN B 91 -17.34 -6.69 2.41
N TRP B 92 -17.05 -7.98 2.25
CA TRP B 92 -16.75 -8.51 0.92
C TRP B 92 -17.99 -8.73 0.08
N ARG B 93 -19.18 -8.70 0.66
N ARG B 93 -19.18 -8.71 0.68
CA ARG B 93 -20.40 -8.98 -0.09
CA ARG B 93 -20.40 -8.98 -0.07
C ARG B 93 -20.83 -7.82 -0.97
C ARG B 93 -20.77 -7.82 -1.00
N GLU B 94 -20.58 -6.57 -0.54
CA GLU B 94 -21.13 -5.40 -1.24
C GLU B 94 -20.05 -4.49 -1.80
N ASN B 95 -19.27 -3.78 -0.95
CA ASN B 95 -18.48 -2.66 -1.43
C ASN B 95 -17.08 -2.58 -0.83
N LEU B 96 -16.59 -3.66 -0.24
CA LEU B 96 -15.27 -3.70 0.42
C LEU B 96 -15.17 -2.70 1.58
N ASP B 97 -16.28 -2.39 2.24
CA ASP B 97 -16.21 -1.58 3.46
C ASP B 97 -15.30 -2.24 4.50
N ARG B 98 -14.42 -1.42 5.10
CA ARG B 98 -13.44 -1.85 6.10
C ARG B 98 -12.46 -2.88 5.54
N ASP B 99 -11.83 -2.53 4.41
CA ASP B 99 -10.96 -3.43 3.65
C ASP B 99 -9.54 -3.38 4.22
N ILE B 100 -9.35 -4.08 5.34
CA ILE B 100 -8.11 -3.98 6.11
C ILE B 100 -7.83 -5.33 6.78
N ALA B 101 -6.56 -5.68 6.84
CA ALA B 101 -6.12 -6.91 7.48
C ALA B 101 -4.70 -6.71 7.99
N LEU B 102 -4.36 -7.47 9.04
CA LEU B 102 -3.01 -7.51 9.59
C LEU B 102 -2.43 -8.91 9.45
N MET B 103 -1.10 -8.98 9.26
CA MET B 103 -0.37 -10.25 9.21
C MET B 103 0.78 -10.16 10.20
N LYS B 104 0.83 -11.09 11.15
CA LYS B 104 1.96 -11.19 12.07
C LYS B 104 3.00 -12.15 11.51
N LEU B 105 4.26 -11.71 11.53
CA LEU B 105 5.37 -12.51 11.02
C LEU B 105 5.83 -13.52 12.06
N LYS B 106 6.30 -14.68 11.58
CA LYS B 106 6.80 -15.69 12.50
C LYS B 106 8.01 -15.19 13.28
N LYS B 107 8.89 -14.43 12.64
CA LYS B 107 10.05 -13.86 13.32
C LYS B 107 10.25 -12.43 12.88
N PRO B 108 10.77 -11.57 13.76
CA PRO B 108 11.00 -10.17 13.39
C PRO B 108 11.97 -10.04 12.22
N VAL B 109 11.72 -9.05 11.39
CA VAL B 109 12.58 -8.76 10.25
C VAL B 109 13.64 -7.76 10.69
N ALA B 110 14.85 -7.92 10.17
CA ALA B 110 15.91 -6.97 10.49
C ALA B 110 15.79 -5.75 9.59
N PHE B 111 15.83 -4.56 10.19
CA PHE B 111 15.80 -3.34 9.41
C PHE B 111 17.15 -3.12 8.71
N SER B 112 17.11 -2.36 7.62
CA SER B 112 18.27 -2.11 6.76
C SER B 112 18.02 -0.83 5.99
N ASP B 113 18.95 -0.49 5.09
CA ASP B 113 18.74 0.64 4.19
C ASP B 113 17.48 0.46 3.34
N TYR B 114 17.04 -0.78 3.12
CA TYR B 114 15.94 -1.09 2.21
C TYR B 114 14.68 -1.53 2.93
N ILE B 115 14.71 -1.67 4.25
CA ILE B 115 13.63 -2.23 5.06
C ILE B 115 13.45 -1.35 6.29
N HIS B 116 12.28 -0.69 6.41
CA HIS B 116 12.05 0.27 7.47
C HIS B 116 10.56 0.53 7.55
N PRO B 117 9.98 0.70 8.75
CA PRO B 117 8.52 0.84 8.85
C PRO B 117 8.02 2.25 8.61
N VAL B 118 6.78 2.32 8.15
CA VAL B 118 6.04 3.56 7.99
C VAL B 118 5.26 3.84 9.27
N CYS B 119 4.94 5.11 9.50
CA CYS B 119 4.10 5.49 10.62
C CYS B 119 2.62 5.34 10.31
N LEU B 120 1.84 5.07 11.35
CA LEU B 120 0.37 5.18 11.25
C LEU B 120 -0.07 6.51 11.81
N PRO B 121 -1.07 7.13 11.17
CA PRO B 121 -1.47 8.48 11.57
C PRO B 121 -2.17 8.53 12.93
N ASP B 122 -1.90 9.60 13.65
CA ASP B 122 -2.72 10.07 14.75
C ASP B 122 -3.90 10.90 14.24
N ARG B 123 -4.85 11.18 15.15
CA ARG B 123 -6.04 11.91 14.75
C ARG B 123 -5.71 13.27 14.13
N GLU B 124 -4.69 13.96 14.66
CA GLU B 124 -4.41 15.32 14.20
C GLU B 124 -3.70 15.32 12.85
N THR B 125 -2.78 14.38 12.64
CA THR B 125 -2.14 14.28 11.34
C THR B 125 -3.17 13.93 10.27
N ALA B 126 -4.11 13.05 10.59
CA ALA B 126 -5.17 12.73 9.64
C ALA B 126 -6.05 13.94 9.36
N ALA B 127 -6.49 14.65 10.40
CA ALA B 127 -7.33 15.82 10.19
C ALA B 127 -6.61 16.87 9.34
N SER B 128 -5.31 17.05 9.57
N SER B 128 -5.32 17.09 9.59
CA SER B 128 -4.55 18.09 8.90
CA SER B 128 -4.61 18.12 8.85
C SER B 128 -4.22 17.77 7.44
C SER B 128 -4.41 17.74 7.38
N LEU B 129 -4.03 16.49 7.12
CA LEU B 129 -3.57 16.12 5.80
C LEU B 129 -4.63 15.48 4.89
N LEU B 130 -5.73 14.95 5.43
CA LEU B 130 -6.72 14.30 4.56
C LEU B 130 -7.70 15.34 4.04
N GLN B 131 -7.19 16.18 3.15
CA GLN B 131 -7.95 17.29 2.60
C GLN B 131 -7.90 17.24 1.08
N ALA B 132 -9.02 17.61 0.45
CA ALA B 132 -9.07 17.60 -1.00
C ALA B 132 -7.97 18.47 -1.59
N GLY B 133 -7.28 17.94 -2.60
CA GLY B 133 -6.19 18.60 -3.26
C GLY B 133 -4.83 18.22 -2.71
N TYR B 134 -4.75 17.78 -1.47
CA TYR B 134 -3.49 17.34 -0.90
C TYR B 134 -3.08 16.02 -1.54
N LYS B 135 -1.80 15.89 -1.90
CA LYS B 135 -1.33 14.72 -2.62
C LYS B 135 -0.69 13.69 -1.70
N GLY B 136 -0.95 12.42 -2.00
CA GLY B 136 -0.25 11.29 -1.42
C GLY B 136 0.45 10.52 -2.52
N ARG B 137 1.07 9.41 -2.11
CA ARG B 137 1.91 8.60 -3.01
C ARG B 137 1.49 7.15 -2.91
N VAL B 138 1.28 6.51 -4.07
CA VAL B 138 0.89 5.10 -4.14
C VAL B 138 1.99 4.33 -4.87
N THR B 139 2.26 3.12 -4.38
CA THR B 139 3.35 2.29 -4.90
C THR B 139 2.85 0.88 -5.14
N GLY B 140 3.36 0.23 -6.18
CA GLY B 140 3.03 -1.17 -6.37
C GLY B 140 3.68 -1.78 -7.60
N TRP B 141 3.52 -3.11 -7.71
CA TRP B 141 4.00 -3.90 -8.85
C TRP B 141 2.86 -4.38 -9.76
N GLY B 142 1.70 -3.75 -9.68
CA GLY B 142 0.54 -4.17 -10.44
C GLY B 142 0.59 -3.71 -11.89
N ASN B 143 -0.51 -3.97 -12.59
CA ASN B 143 -0.53 -3.73 -14.02
C ASN B 143 -0.29 -2.26 -14.39
N LEU B 144 0.41 -2.08 -15.50
CA LEU B 144 0.74 -0.76 -16.02
C LEU B 144 -0.39 -0.15 -16.82
N LYS B 145 -1.38 -0.94 -17.24
CA LYS B 145 -2.53 -0.39 -17.92
C LYS B 145 -3.69 -1.34 -17.75
N GLU B 146 -4.89 -0.85 -18.06
CA GLU B 146 -6.10 -1.60 -17.80
C GLU B 146 -6.11 -2.91 -18.57
N THR B 147 -5.84 -2.84 -19.87
CA THR B 147 -5.81 -4.03 -20.72
C THR B 147 -4.44 -4.18 -21.36
N GLY B 155 2.40 -6.28 -19.78
CA GLY B 155 1.83 -5.08 -19.20
C GLY B 155 2.10 -4.98 -17.71
N GLN B 156 3.12 -5.68 -17.24
CA GLN B 156 3.56 -5.64 -15.86
C GLN B 156 4.96 -5.03 -15.78
N PRO B 157 5.33 -4.42 -14.66
CA PRO B 157 6.61 -3.69 -14.61
C PRO B 157 7.80 -4.53 -14.18
N SER B 158 8.99 -4.06 -14.60
CA SER B 158 10.23 -4.68 -14.14
C SER B 158 10.53 -4.32 -12.68
N VAL B 159 10.26 -3.08 -12.26
CA VAL B 159 10.53 -2.64 -10.90
C VAL B 159 9.33 -1.90 -10.32
N LEU B 160 9.37 -1.72 -9.00
CA LEU B 160 8.34 -1.01 -8.28
C LEU B 160 8.00 0.32 -8.94
N GLN B 161 6.70 0.62 -9.03
CA GLN B 161 6.20 1.85 -9.63
C GLN B 161 5.63 2.78 -8.56
N VAL B 162 5.72 4.08 -8.83
N VAL B 162 5.72 4.09 -8.81
CA VAL B 162 5.33 5.15 -7.91
CA VAL B 162 5.29 5.12 -7.87
C VAL B 162 4.45 6.14 -8.67
C VAL B 162 4.51 6.21 -8.61
N VAL B 163 3.42 6.66 -8.02
CA VAL B 163 2.65 7.78 -8.56
C VAL B 163 2.13 8.62 -7.41
N ASN B 164 2.18 9.95 -7.60
CA ASN B 164 1.64 10.92 -6.66
C ASN B 164 0.26 11.37 -7.15
N LEU B 165 -0.74 11.36 -6.27
CA LEU B 165 -2.15 11.64 -6.62
C LEU B 165 -2.85 12.52 -5.59
N PRO B 166 -3.67 13.46 -6.03
CA PRO B 166 -4.42 14.29 -5.08
C PRO B 166 -5.67 13.60 -4.53
N ILE B 167 -5.92 13.82 -3.23
CA ILE B 167 -7.19 13.45 -2.61
C ILE B 167 -8.32 14.26 -3.25
N VAL B 168 -9.46 13.60 -3.46
CA VAL B 168 -10.62 14.20 -4.14
C VAL B 168 -11.77 14.49 -3.17
N GLU B 169 -12.49 15.59 -3.44
CA GLU B 169 -13.64 15.96 -2.64
C GLU B 169 -14.65 14.81 -2.58
N ARG B 170 -15.24 14.58 -1.40
CA ARG B 170 -16.11 13.41 -1.25
C ARG B 170 -17.32 13.43 -2.17
N PRO B 171 -17.96 14.57 -2.46
CA PRO B 171 -19.08 14.53 -3.42
C PRO B 171 -18.65 14.11 -4.81
N VAL B 172 -17.45 14.47 -5.25
CA VAL B 172 -16.95 14.04 -6.55
C VAL B 172 -16.70 12.53 -6.54
N CYS B 173 -16.11 12.01 -5.45
CA CYS B 173 -15.93 10.56 -5.34
C CYS B 173 -17.27 9.85 -5.45
N LYS B 174 -18.28 10.29 -4.69
CA LYS B 174 -19.58 9.63 -4.70
C LYS B 174 -20.24 9.66 -6.07
N ASP B 175 -20.12 10.79 -6.77
CA ASP B 175 -20.78 11.00 -8.05
C ASP B 175 -20.07 10.30 -9.19
N SER B 176 -18.90 9.71 -8.94
CA SER B 176 -18.14 9.05 -9.99
C SER B 176 -18.52 7.58 -10.17
N THR B 177 -19.37 7.01 -9.31
CA THR B 177 -19.54 5.56 -9.23
C THR B 177 -20.96 5.25 -8.75
N ARG B 178 -21.44 4.05 -9.09
CA ARG B 178 -22.67 3.54 -8.53
C ARG B 178 -22.46 2.74 -7.25
N ILE B 179 -21.22 2.39 -6.91
CA ILE B 179 -20.95 1.64 -5.69
C ILE B 179 -21.12 2.58 -4.51
N ARG B 180 -21.63 2.05 -3.40
CA ARG B 180 -21.88 2.83 -2.18
C ARG B 180 -20.57 3.12 -1.45
N ILE B 181 -20.26 4.41 -1.26
CA ILE B 181 -19.04 4.85 -0.57
C ILE B 181 -19.35 4.98 0.92
N THR B 182 -18.36 4.75 1.78
CA THR B 182 -18.53 4.92 3.21
C THR B 182 -17.42 5.80 3.77
N ASP B 183 -17.60 6.19 5.03
CA ASP B 183 -16.60 6.98 5.73
C ASP B 183 -15.30 6.21 5.96
N ASN B 184 -15.29 4.89 5.73
CA ASN B 184 -14.06 4.11 5.85
C ASN B 184 -13.28 4.08 4.56
N MET B 185 -13.61 4.97 3.63
CA MET B 185 -12.97 5.06 2.31
C MET B 185 -12.66 6.51 2.00
N PHE B 186 -11.64 6.73 1.16
CA PHE B 186 -11.49 8.02 0.49
C PHE B 186 -11.04 7.74 -0.93
N CYS B 187 -11.11 8.73 -1.80
CA CYS B 187 -10.68 8.50 -3.18
C CYS B 187 -9.68 9.56 -3.61
N ALA B 188 -8.88 9.18 -4.62
CA ALA B 188 -7.77 10.00 -5.07
C ALA B 188 -7.54 9.83 -6.57
N GLY B 189 -7.04 10.88 -7.19
CA GLY B 189 -6.76 10.88 -8.62
C GLY B 189 -7.02 12.26 -9.19
N TYR B 190 -6.52 12.45 -10.43
CA TYR B 190 -6.74 13.72 -11.12
C TYR B 190 -8.11 13.74 -11.82
N LYS B 191 -8.67 14.93 -11.96
N LYS B 191 -8.67 14.93 -11.96
CA LYS B 191 -9.89 15.11 -12.72
CA LYS B 191 -9.89 15.12 -12.72
C LYS B 191 -9.57 15.25 -14.21
C LYS B 191 -9.57 15.26 -14.21
N PRO B 192 -10.55 15.02 -15.09
CA PRO B 192 -10.26 15.14 -16.53
C PRO B 192 -9.69 16.49 -16.94
N ASP B 193 -10.20 17.58 -16.39
CA ASP B 193 -9.69 18.90 -16.77
C ASP B 193 -8.29 19.17 -16.23
N GLU B 194 -7.82 18.41 -15.23
CA GLU B 194 -6.54 18.70 -14.61
C GLU B 194 -5.35 18.29 -15.47
N GLY B 195 -5.56 17.44 -16.47
CA GLY B 195 -4.46 17.09 -17.38
C GLY B 195 -3.65 15.88 -16.96
N LYS B 196 -2.94 15.98 -15.84
CA LYS B 196 -2.12 14.88 -15.34
C LYS B 196 -2.98 13.63 -15.13
N ARG B 197 -2.32 12.47 -15.08
CA ARG B 197 -3.00 11.19 -14.98
C ARG B 197 -2.34 10.32 -13.91
N GLY B 198 -2.88 9.11 -13.73
CA GLY B 198 -2.30 8.13 -12.83
C GLY B 198 -3.33 7.46 -11.94
N ASP B 199 -3.06 6.21 -11.58
CA ASP B 199 -4.02 5.42 -10.81
C ASP B 199 -3.33 4.15 -10.35
N ALA B 200 -3.90 3.51 -9.34
CA ALA B 200 -3.61 2.12 -9.05
C ALA B 200 -4.39 1.21 -10.01
N CYS B 201 -4.02 -0.07 -10.05
CA CYS B 201 -4.66 -1.01 -10.97
C CYS B 201 -4.64 -2.40 -10.32
N GLU B 202 -5.22 -3.38 -11.00
CA GLU B 202 -5.14 -4.74 -10.48
C GLU B 202 -3.69 -5.13 -10.25
N GLY B 203 -3.43 -5.80 -9.13
CA GLY B 203 -2.09 -6.13 -8.67
C GLY B 203 -1.49 -5.16 -7.66
N ASP B 204 -2.03 -3.94 -7.57
CA ASP B 204 -1.61 -2.96 -6.58
C ASP B 204 -2.38 -3.06 -5.27
N SER B 205 -3.47 -3.84 -5.24
CA SER B 205 -4.23 -4.12 -4.03
C SER B 205 -3.35 -4.28 -2.81
N GLY B 206 -3.75 -3.63 -1.71
CA GLY B 206 -3.10 -3.79 -0.43
C GLY B 206 -1.88 -2.93 -0.21
N GLY B 207 -1.35 -2.26 -1.24
CA GLY B 207 -0.23 -1.36 -1.06
C GLY B 207 -0.63 -0.05 -0.39
N PRO B 208 0.36 0.73 0.01
CA PRO B 208 0.12 1.92 0.82
C PRO B 208 -0.07 3.18 0.01
N PHE B 209 -0.93 4.07 0.54
CA PHE B 209 -1.07 5.46 0.13
C PHE B 209 -0.43 6.27 1.26
N VAL B 210 0.70 6.91 0.99
CA VAL B 210 1.45 7.59 2.04
C VAL B 210 1.54 9.09 1.78
N MET B 211 1.71 9.84 2.88
CA MET B 211 1.90 11.30 2.84
C MET B 211 3.06 11.67 3.75
N LYS B 212 3.83 12.67 3.37
CA LYS B 212 4.97 13.13 4.18
C LYS B 212 4.50 14.33 4.99
N SER B 213 4.44 14.17 6.31
CA SER B 213 3.96 15.26 7.15
C SER B 213 4.89 16.45 7.03
N PRO B 214 4.37 17.66 6.74
CA PRO B 214 5.23 18.85 6.74
C PRO B 214 5.54 19.37 8.14
N PHE B 215 4.92 18.79 9.16
CA PHE B 215 5.16 19.21 10.54
C PHE B 215 6.38 18.54 11.13
N ASN B 216 6.56 17.22 10.88
CA ASN B 216 7.69 16.49 11.45
C ASN B 216 8.51 15.70 10.42
N ASN B 217 8.23 15.87 9.14
CA ASN B 217 9.03 15.29 8.05
C ASN B 217 9.09 13.76 8.10
N ARG B 218 8.02 13.13 8.58
CA ARG B 218 7.88 11.69 8.63
C ARG B 218 6.78 11.24 7.67
N TRP B 219 6.98 10.06 7.08
CA TRP B 219 5.97 9.45 6.23
C TRP B 219 4.93 8.69 7.04
N TYR B 220 3.66 8.93 6.70
CA TYR B 220 2.48 8.32 7.30
C TYR B 220 1.65 7.57 6.28
N GLN B 221 1.15 6.39 6.65
CA GLN B 221 0.26 5.64 5.77
C GLN B 221 -1.18 6.02 6.05
N MET B 222 -1.78 6.76 5.12
CA MET B 222 -3.16 7.22 5.27
C MET B 222 -4.15 6.26 4.63
N GLY B 223 -3.72 5.48 3.63
CA GLY B 223 -4.66 4.66 2.91
C GLY B 223 -4.06 3.34 2.51
N ILE B 224 -4.95 2.42 2.12
CA ILE B 224 -4.61 1.14 1.50
C ILE B 224 -5.30 1.04 0.15
N VAL B 225 -4.57 0.59 -0.89
CA VAL B 225 -5.21 0.38 -2.20
C VAL B 225 -6.36 -0.62 -2.07
N SER B 226 -7.58 -0.19 -2.36
CA SER B 226 -8.77 -1.03 -2.11
C SER B 226 -9.52 -1.38 -3.39
N TRP B 227 -10.03 -0.41 -4.16
CA TRP B 227 -10.83 -0.75 -5.34
C TRP B 227 -10.91 0.41 -6.32
N GLY B 228 -11.34 0.07 -7.53
CA GLY B 228 -11.48 1.01 -8.63
C GLY B 228 -12.33 0.31 -9.68
N GLU B 229 -12.69 1.06 -10.72
CA GLU B 229 -13.44 0.51 -11.86
C GLU B 229 -12.64 0.82 -13.13
N GLY B 230 -11.98 -0.18 -13.68
CA GLY B 230 -11.00 0.09 -14.70
C GLY B 230 -9.78 0.75 -14.05
N CYS B 231 -8.89 1.25 -14.88
CA CYS B 231 -7.64 1.85 -14.41
C CYS B 231 -7.38 3.13 -15.18
N ASP B 232 -7.18 4.22 -14.45
CA ASP B 232 -6.83 5.52 -15.04
C ASP B 232 -7.86 5.96 -16.08
N ARG B 233 -9.13 5.70 -15.80
CA ARG B 233 -10.21 6.19 -16.65
C ARG B 233 -10.57 7.62 -16.31
N ASP B 234 -10.85 8.41 -17.33
CA ASP B 234 -11.33 9.78 -17.12
C ASP B 234 -12.64 9.72 -16.34
N GLY B 235 -12.74 10.57 -15.31
CA GLY B 235 -13.94 10.68 -14.51
C GLY B 235 -14.10 9.59 -13.46
N LYS B 236 -13.15 8.66 -13.36
CA LYS B 236 -13.12 7.65 -12.34
C LYS B 236 -11.93 7.92 -11.41
N TYR B 237 -12.01 7.37 -10.20
CA TYR B 237 -11.01 7.57 -9.16
C TYR B 237 -10.72 6.26 -8.45
N GLY B 238 -9.52 6.17 -7.90
CA GLY B 238 -9.20 5.03 -7.08
C GLY B 238 -9.65 5.25 -5.64
N PHE B 239 -10.08 4.15 -5.01
CA PHE B 239 -10.59 4.19 -3.63
C PHE B 239 -9.65 3.46 -2.69
N TYR B 240 -9.48 4.03 -1.49
CA TYR B 240 -8.47 3.64 -0.52
C TYR B 240 -9.13 3.44 0.84
N THR B 241 -8.75 2.36 1.54
CA THR B 241 -9.15 2.22 2.94
C THR B 241 -8.62 3.36 3.79
N HIS B 242 -9.50 3.94 4.62
CA HIS B 242 -9.18 5.08 5.51
C HIS B 242 -8.53 4.54 6.78
N VAL B 243 -7.19 4.54 6.81
CA VAL B 243 -6.46 3.83 7.87
C VAL B 243 -6.76 4.41 9.25
N PHE B 244 -6.78 5.75 9.37
CA PHE B 244 -7.05 6.31 10.68
C PHE B 244 -8.43 5.91 11.20
N ARG B 245 -9.43 5.85 10.32
CA ARG B 245 -10.77 5.48 10.79
C ARG B 245 -10.81 4.09 11.42
N LEU B 246 -9.88 3.20 11.04
CA LEU B 246 -9.87 1.83 11.52
C LEU B 246 -8.69 1.57 12.46
N LYS B 247 -8.05 2.63 12.95
CA LYS B 247 -6.86 2.45 13.77
C LYS B 247 -7.19 1.82 15.11
N LYS B 248 -8.38 2.07 15.65
CA LYS B 248 -8.68 1.48 16.95
C LYS B 248 -8.71 -0.04 16.86
N TRP B 249 -9.17 -0.59 15.73
CA TRP B 249 -9.10 -2.03 15.51
C TRP B 249 -7.65 -2.49 15.38
N ILE B 250 -6.84 -1.75 14.63
CA ILE B 250 -5.42 -2.08 14.48
C ILE B 250 -4.77 -2.22 15.85
N GLN B 251 -5.00 -1.21 16.71
CA GLN B 251 -4.38 -1.18 18.02
C GLN B 251 -4.86 -2.32 18.89
N LYS B 252 -6.17 -2.61 18.85
CA LYS B 252 -6.72 -3.72 19.62
C LYS B 252 -6.04 -5.03 19.26
N VAL B 253 -5.86 -5.28 17.96
CA VAL B 253 -5.24 -6.52 17.52
C VAL B 253 -3.80 -6.59 18.00
N ILE B 254 -3.05 -5.50 17.82
CA ILE B 254 -1.64 -5.55 18.18
C ILE B 254 -1.48 -5.69 19.69
N ASP B 255 -2.34 -5.04 20.47
CA ASP B 255 -2.28 -5.21 21.92
C ASP B 255 -2.74 -6.60 22.35
N GLN B 256 -3.83 -7.10 21.76
CA GLN B 256 -4.32 -8.44 22.11
C GLN B 256 -3.30 -9.51 21.76
N PHE B 257 -2.49 -9.28 20.72
CA PHE B 257 -1.61 -10.33 20.21
C PHE B 257 -0.18 -9.83 20.10
N ASP C 1 6.83 -16.52 -14.23
CA ASP C 1 7.71 -15.46 -14.72
C ASP C 1 8.65 -14.99 -13.62
N PHE C 2 8.58 -15.63 -12.46
CA PHE C 2 9.32 -15.20 -11.27
C PHE C 2 10.55 -16.07 -11.07
N GLU C 3 11.69 -15.43 -10.81
N GLU C 3 11.67 -15.42 -10.78
CA GLU C 3 12.89 -16.16 -10.45
CA GLU C 3 12.89 -16.13 -10.42
C GLU C 3 12.62 -17.00 -9.20
C GLU C 3 12.64 -16.99 -9.18
N GLU C 4 13.07 -18.25 -9.25
CA GLU C 4 12.86 -19.16 -8.13
C GLU C 4 13.47 -18.60 -6.86
N ILE C 5 12.74 -18.73 -5.75
CA ILE C 5 13.28 -18.28 -4.46
C ILE C 5 13.94 -19.44 -3.75
N PRO C 6 14.86 -19.17 -2.83
CA PRO C 6 15.54 -20.27 -2.11
C PRO C 6 14.55 -21.26 -1.52
N GLU C 7 14.86 -22.54 -1.69
CA GLU C 7 14.00 -23.60 -1.16
C GLU C 7 13.81 -23.47 0.35
N GLU C 8 14.77 -22.89 1.05
CA GLU C 8 14.65 -22.70 2.49
C GLU C 8 13.32 -22.05 2.91
N TYS C 9 12.78 -21.19 2.06
CA TYS C 9 11.58 -20.44 2.44
CB TYS C 9 11.55 -19.10 1.71
CG TYS C 9 12.76 -18.26 2.06
CD1 TYS C 9 12.97 -17.82 3.37
CD2 TYS C 9 13.67 -17.93 1.06
CE1 TYS C 9 14.08 -17.05 3.68
CE2 TYS C 9 14.79 -17.17 1.37
CZ TYS C 9 14.99 -16.72 2.68
OH TYS C 9 16.09 -15.98 2.98
S TYS C 9 16.11 -14.46 2.98
O1 TYS C 9 17.48 -14.07 3.20
O2 TYS C 9 15.71 -13.96 1.70
O3 TYS C 9 15.25 -13.88 4.22
C TYS C 9 10.31 -21.18 2.15
O TYS C 9 9.25 -20.82 2.71
H TYS C 9 13.12 -21.03 1.29
HA TYS C 9 11.64 -20.31 3.40
HB2 TYS C 9 10.74 -18.62 1.95
HB3 TYS C 9 11.53 -19.24 0.75
HD1 TYS C 9 12.35 -18.04 4.03
HD2 TYS C 9 13.53 -18.23 0.20
HE1 TYS C 9 14.22 -16.76 4.55
HE2 TYS C 9 15.41 -16.95 0.71
HO3 TYS C 9 15.25 -13.05 4.40
N LEU C 10 10.37 -22.21 1.31
CA LEU C 10 9.16 -22.93 0.92
C LEU C 10 8.92 -24.18 1.76
N GLN C 11 9.80 -24.46 2.72
CA GLN C 11 9.68 -25.66 3.54
C GLN C 11 8.60 -25.48 4.60
S DMS D . -11.11 13.11 2.48
O DMS D . -12.17 12.16 1.95
C1 DMS D . -11.36 14.68 1.61
C2 DMS D . -11.64 13.61 4.14
S DMS E . -0.61 18.94 13.77
O DMS E . -0.68 17.83 12.74
C1 DMS E . 1.00 18.88 14.57
C2 DMS E . -0.55 20.56 12.98
C1 GOL F . -24.72 -1.69 8.99
O1 GOL F . -23.52 -1.05 9.35
C2 GOL F . -25.44 -2.13 10.31
O2 GOL F . -25.57 -1.11 11.24
C3 GOL F . -24.67 -3.31 10.90
O3 GOL F . -25.51 -3.83 11.87
C1 GOL G . -5.16 -8.51 -6.35
O1 GOL G . -3.77 -8.23 -6.44
C2 GOL G . -5.82 -7.74 -7.51
O2 GOL G . -5.63 -6.35 -7.40
C3 GOL G . -7.33 -8.11 -7.42
O3 GOL G . -7.92 -7.50 -8.50
NA NA H . -22.96 7.74 -7.10
NA NA I . -9.31 8.74 -13.40
C1 NAG J . -12.39 -18.93 5.09
C2 NAG J . -13.83 -19.10 5.55
C3 NAG J . -13.86 -19.42 7.05
C4 NAG J . -12.97 -20.61 7.37
C5 NAG J . -11.56 -20.34 6.84
C6 NAG J . -10.64 -21.52 7.02
C7 NAG J . -15.39 -17.77 4.19
C8 NAG J . -16.13 -16.47 4.07
N2 NAG J . -14.61 -17.91 5.27
O3 NAG J . -15.21 -19.70 7.45
O4 NAG J . -12.92 -20.81 8.78
O5 NAG J . -11.63 -20.09 5.43
O6 NAG J . -10.23 -22.02 5.75
O7 NAG J . -15.49 -18.66 3.35
P PO4 K . -21.75 -2.30 6.16
O1 PO4 K . -20.94 -3.48 6.68
O2 PO4 K . -20.96 -1.75 4.99
O3 PO4 K . -21.92 -1.29 7.27
O4 PO4 K . -23.07 -2.83 5.65
C1 GOZ L . -12.42 -3.97 -7.69
C2 GOZ L . -10.99 -5.06 -6.08
C3 GOZ L . -9.69 -4.67 -6.80
C4 GOZ L . -7.69 -3.27 -6.75
C5 GOZ L . -7.88 -2.10 -7.69
C8 GOZ L . -7.83 0.25 -8.14
C9 GOZ L . -7.62 -0.79 -7.25
C6 GOZ L . -8.35 -2.31 -8.98
C7 GOZ L . -8.54 -1.22 -9.81
C10 GOZ L . -10.94 -6.49 -5.54
C11 GOZ L . -12.37 -7.03 -5.76
C12 GOZ L . -12.81 -6.39 -7.03
C13 GOZ L . -14.77 -3.13 -8.23
C14 GOZ L . -15.42 -3.59 -6.95
C15 GOZ L . -15.45 -2.76 -5.83
C16 GOZ L . -16.05 -3.18 -4.65
C17 GOZ L . -16.63 -4.44 -4.57
C18 GOZ L . -16.61 -5.27 -5.67
C19 GOZ L . -16.01 -4.85 -6.86
O1 GOZ L . -11.77 -2.94 -7.56
N GOZ L . -13.12 -3.57 -10.02
C GOZ L . -13.57 -4.00 -8.69
O GOZ L . -9.39 -5.18 -7.89
N1 GOZ L . -12.14 -5.07 -7.00
N2 GOZ L . -8.94 -3.76 -6.19
N3 GOZ L . -9.05 -1.36 -11.06
N4 GOZ L . -8.27 0.04 -9.40
N5 GOZ L . -7.64 1.54 -7.79
#